data_7HTI
#
_entry.id   7HTI
#
_cell.length_a   99.181
_cell.length_b   99.205
_cell.length_c   129.364
_cell.angle_alpha   90.00
_cell.angle_beta   90.00
_cell.angle_gamma   90.00
#
_symmetry.space_group_name_H-M   'I 2 2 2'
#
loop_
_entity.id
_entity.type
_entity.pdbx_description
1 polymer 'Oleoyl-acyl carrier protein thioesterase 1, chloroplastic'
2 non-polymer N-phenylpyrrolidine-1-carboxamide
3 water water
#
_entity_poly.entity_id   1
_entity_poly.type   'polypeptide(L)'
_entity_poly.pdbx_seq_one_letter_code
;MGSLTEDGLSYKEKFVVRSYEVGSNKTATVETIANLLQEVGCNHAQSVGFSTDGFATTTTMRKLHLIWVTARMHIEIYKY
PAWGDVVEIETWCQSEGRIGTRRDWILKDSVTGEVTGRATSKWVMMNQDTRRLQKVSDDVRDEYLVFCPQEPRLAFPEEN
NRSLKKIPKLEDPAQYSMIGLKPRRADLDMNQHVNNVTYIGWVLESIPQEIVDTHELQVITLDYRRECQQDDVVDSLTTT
TSEIGGTNGSATSGTQGHNDSQFLHLLRLSGDGQEINRGTTLWRKKPSSHHHHHH
;
_entity_poly.pdbx_strand_id   A,B
#
loop_
_chem_comp.id
_chem_comp.type
_chem_comp.name
_chem_comp.formula
U1X non-polymer N-phenylpyrrolidine-1-carboxamide 'C11 H14 N2 O'
#
# COMPACT_ATOMS: atom_id res chain seq x y z
N GLY A 2 4.65 18.29 -7.20
CA GLY A 2 4.47 19.22 -6.10
C GLY A 2 5.48 20.35 -6.11
N SER A 3 5.30 21.31 -5.20
CA SER A 3 6.21 22.45 -5.10
C SER A 3 5.89 23.29 -3.86
N LEU A 4 6.91 23.99 -3.33
CA LEU A 4 6.74 24.93 -2.23
C LEU A 4 5.89 26.10 -2.76
N THR A 5 5.03 26.69 -1.92
CA THR A 5 4.20 27.82 -2.34
C THR A 5 5.05 29.08 -2.62
N GLU A 6 4.45 30.15 -3.13
CA GLU A 6 5.13 31.40 -3.46
C GLU A 6 6.04 31.93 -2.35
N ASP A 7 5.57 31.92 -1.08
CA ASP A 7 6.39 32.44 0.00
C ASP A 7 7.44 31.44 0.53
N GLY A 8 7.34 30.16 0.13
CA GLY A 8 8.28 29.11 0.53
C GLY A 8 8.10 28.61 1.94
N LEU A 9 7.00 28.99 2.62
CA LEU A 9 6.77 28.54 3.99
C LEU A 9 5.78 27.37 4.14
N SER A 10 5.37 26.76 3.00
CA SER A 10 4.49 25.60 2.93
C SER A 10 4.70 24.89 1.57
N TYR A 11 4.21 23.65 1.43
CA TYR A 11 4.39 22.84 0.22
C TYR A 11 3.05 22.26 -0.25
N LYS A 12 2.76 22.30 -1.56
CA LYS A 12 1.50 21.77 -2.09
C LYS A 12 1.73 20.62 -3.06
N GLU A 13 0.80 19.65 -3.10
CA GLU A 13 0.90 18.52 -4.03
C GLU A 13 -0.49 17.92 -4.36
N LYS A 14 -0.69 17.54 -5.64
CA LYS A 14 -1.94 16.93 -6.07
C LYS A 14 -1.73 15.42 -6.23
N PHE A 15 -2.78 14.62 -5.93
CA PHE A 15 -2.71 13.16 -6.04
C PHE A 15 -3.99 12.62 -6.68
N VAL A 16 -3.89 11.70 -7.63
CA VAL A 16 -5.08 11.09 -8.24
C VAL A 16 -5.32 9.77 -7.49
N VAL A 17 -6.54 9.58 -6.94
CA VAL A 17 -6.87 8.37 -6.19
C VAL A 17 -6.84 7.10 -7.08
N ARG A 18 -6.03 6.12 -6.68
CA ARG A 18 -5.83 4.85 -7.39
C ARG A 18 -6.86 3.77 -7.02
N SER A 19 -7.05 2.78 -7.89
CA SER A 19 -7.99 1.68 -7.75
C SER A 19 -7.77 0.83 -6.52
N TYR A 20 -6.51 0.50 -6.22
CA TYR A 20 -6.19 -0.30 -5.05
C TYR A 20 -6.15 0.53 -3.73
N GLU A 21 -6.34 1.86 -3.82
CA GLU A 21 -6.32 2.73 -2.64
C GLU A 21 -7.71 2.94 -2.01
N VAL A 22 -8.79 2.45 -2.65
CA VAL A 22 -10.16 2.67 -2.18
C VAL A 22 -10.74 1.50 -1.41
N GLY A 23 -11.67 1.80 -0.52
CA GLY A 23 -12.36 0.80 0.30
C GLY A 23 -13.69 0.33 -0.28
N SER A 24 -14.54 -0.26 0.56
N SER A 24 -14.54 -0.26 0.56
N SER A 24 -14.54 -0.26 0.56
CA SER A 24 -15.85 -0.78 0.16
CA SER A 24 -15.85 -0.79 0.16
CA SER A 24 -15.85 -0.78 0.16
C SER A 24 -16.82 0.29 -0.34
C SER A 24 -16.85 0.29 -0.30
C SER A 24 -16.82 0.29 -0.34
N ASN A 25 -16.55 1.58 -0.05
CA ASN A 25 -17.40 2.68 -0.46
C ASN A 25 -16.94 3.36 -1.76
N LYS A 26 -15.92 2.79 -2.46
CA LYS A 26 -15.30 3.36 -3.65
C LYS A 26 -14.61 4.69 -3.38
N THR A 27 -14.20 4.93 -2.12
CA THR A 27 -13.48 6.14 -1.71
C THR A 27 -12.19 5.72 -1.00
N ALA A 28 -11.15 6.57 -1.07
CA ALA A 28 -9.85 6.27 -0.47
C ALA A 28 -9.96 5.94 1.02
N THR A 29 -9.19 4.94 1.50
CA THR A 29 -9.19 4.57 2.91
C THR A 29 -8.45 5.60 3.76
N VAL A 30 -8.64 5.59 5.10
CA VAL A 30 -7.92 6.53 5.97
C VAL A 30 -6.39 6.24 5.95
N GLU A 31 -6.00 4.99 5.65
CA GLU A 31 -4.59 4.61 5.54
C GLU A 31 -4.00 5.16 4.24
N THR A 32 -4.80 5.26 3.17
CA THR A 32 -4.37 5.87 1.93
C THR A 32 -4.14 7.37 2.19
N ILE A 33 -5.06 8.03 2.91
CA ILE A 33 -4.89 9.43 3.28
C ILE A 33 -3.60 9.63 4.09
N ALA A 34 -3.41 8.83 5.16
CA ALA A 34 -2.23 8.88 6.02
C ALA A 34 -0.93 8.68 5.23
N ASN A 35 -0.96 7.82 4.19
CA ASN A 35 0.18 7.58 3.31
C ASN A 35 0.47 8.81 2.48
N LEU A 36 -0.59 9.48 1.98
CA LEU A 36 -0.47 10.68 1.17
C LEU A 36 0.11 11.83 1.99
N LEU A 37 -0.29 11.97 3.26
CA LEU A 37 0.25 13.02 4.13
C LEU A 37 1.76 12.81 4.33
N GLN A 38 2.16 11.56 4.51
CA GLN A 38 3.54 11.14 4.70
C GLN A 38 4.34 11.43 3.42
N GLU A 39 3.75 11.15 2.25
CA GLU A 39 4.37 11.43 0.97
C GLU A 39 4.57 12.94 0.75
N VAL A 40 3.54 13.79 1.00
CA VAL A 40 3.71 15.24 0.83
C VAL A 40 4.72 15.81 1.87
N GLY A 41 4.75 15.23 3.07
CA GLY A 41 5.70 15.63 4.13
C GLY A 41 7.13 15.33 3.72
N CYS A 42 7.36 14.15 3.13
N CYS A 42 7.35 14.16 3.13
N CYS A 42 7.36 14.15 3.13
CA CYS A 42 8.69 13.76 2.66
CA CYS A 42 8.67 13.75 2.66
CA CYS A 42 8.69 13.76 2.66
C CYS A 42 9.14 14.65 1.51
C CYS A 42 9.13 14.65 1.52
C CYS A 42 9.14 14.65 1.51
N ASN A 43 8.21 15.02 0.61
CA ASN A 43 8.53 15.90 -0.52
C ASN A 43 8.81 17.33 -0.06
N HIS A 44 8.19 17.79 1.04
CA HIS A 44 8.46 19.12 1.58
C HIS A 44 9.88 19.16 2.15
N ALA A 45 10.30 18.10 2.84
CA ALA A 45 11.64 17.95 3.43
C ALA A 45 12.72 17.86 2.36
N GLN A 46 12.45 17.16 1.26
CA GLN A 46 13.40 17.03 0.17
C GLN A 46 13.58 18.37 -0.56
N SER A 47 12.49 19.13 -0.71
N SER A 47 12.49 19.13 -0.71
N SER A 47 12.49 19.13 -0.71
CA SER A 47 12.47 20.41 -1.40
CA SER A 47 12.52 20.39 -1.43
CA SER A 47 12.47 20.41 -1.40
C SER A 47 13.36 21.48 -0.77
C SER A 47 13.39 21.47 -0.78
C SER A 47 13.36 21.48 -0.77
N VAL A 48 13.75 21.30 0.50
CA VAL A 48 14.59 22.29 1.18
C VAL A 48 15.87 21.72 1.79
N GLY A 49 16.24 20.49 1.47
CA GLY A 49 17.51 19.94 1.93
C GLY A 49 17.55 19.03 3.15
N PHE A 50 16.40 18.72 3.75
CA PHE A 50 16.38 17.81 4.90
C PHE A 50 16.42 16.34 4.44
N SER A 51 16.66 15.41 5.39
CA SER A 51 16.69 13.97 5.07
C SER A 51 15.35 13.49 4.52
N THR A 52 15.36 12.39 3.77
CA THR A 52 14.16 11.82 3.16
C THR A 52 13.85 10.41 3.64
N ASP A 53 14.27 10.07 4.86
CA ASP A 53 14.06 8.74 5.45
C ASP A 53 12.86 8.68 6.43
N GLY A 54 12.08 9.74 6.49
CA GLY A 54 10.97 9.83 7.44
C GLY A 54 11.36 10.53 8.72
N PHE A 55 12.66 10.85 8.91
CA PHE A 55 13.11 11.53 10.11
C PHE A 55 13.35 13.05 9.92
N ALA A 56 13.40 13.55 8.67
CA ALA A 56 13.61 14.96 8.32
C ALA A 56 14.69 15.65 9.19
N THR A 57 15.89 15.07 9.24
CA THR A 57 16.99 15.55 10.07
C THR A 57 17.95 16.53 9.37
N THR A 58 18.73 17.27 10.17
CA THR A 58 19.79 18.15 9.69
C THR A 58 21.11 17.38 9.73
N THR A 59 22.16 17.90 9.08
CA THR A 59 23.47 17.28 9.15
C THR A 59 24.01 17.30 10.59
N THR A 60 23.57 18.28 11.42
CA THR A 60 23.96 18.34 12.82
C THR A 60 23.32 17.18 13.59
N MET A 61 22.04 16.87 13.30
CA MET A 61 21.32 15.77 13.93
C MET A 61 21.91 14.42 13.53
N ARG A 62 22.31 14.23 12.28
CA ARG A 62 22.89 12.97 11.82
C ARG A 62 24.18 12.60 12.54
N LYS A 63 25.07 13.58 12.75
CA LYS A 63 26.34 13.36 13.46
C LYS A 63 26.09 12.93 14.91
N LEU A 64 25.03 13.48 15.52
CA LEU A 64 24.65 13.21 16.90
C LEU A 64 23.73 11.99 17.06
N HIS A 65 23.29 11.37 15.95
CA HIS A 65 22.36 10.24 15.93
C HIS A 65 20.99 10.65 16.49
N LEU A 66 20.55 11.88 16.19
CA LEU A 66 19.24 12.38 16.60
C LEU A 66 18.25 12.26 15.44
N ILE A 67 17.00 11.91 15.74
CA ILE A 67 15.91 11.77 14.75
C ILE A 67 14.64 12.46 15.28
N TRP A 68 13.65 12.65 14.42
CA TRP A 68 12.35 13.17 14.81
C TRP A 68 11.37 12.00 14.78
N VAL A 69 10.61 11.76 15.87
CA VAL A 69 9.64 10.66 15.87
C VAL A 69 8.22 11.18 16.22
N THR A 70 7.18 10.54 15.65
CA THR A 70 5.79 10.96 15.90
C THR A 70 5.41 10.61 17.34
N ALA A 71 4.77 11.54 18.02
CA ALA A 71 4.24 11.37 19.36
C ALA A 71 2.69 11.29 19.24
N ARG A 72 2.09 12.11 18.38
CA ARG A 72 0.65 12.09 18.17
C ARG A 72 0.32 12.37 16.72
N MET A 73 -0.75 11.74 16.23
CA MET A 73 -1.26 11.96 14.88
C MET A 73 -2.77 12.13 15.02
N HIS A 74 -3.32 13.23 14.49
CA HIS A 74 -4.75 13.50 14.56
C HIS A 74 -5.27 13.80 13.16
N ILE A 75 -6.27 13.05 12.69
CA ILE A 75 -6.84 13.25 11.36
C ILE A 75 -8.36 13.41 11.43
N GLU A 76 -8.90 14.40 10.71
CA GLU A 76 -10.34 14.62 10.64
C GLU A 76 -10.77 14.77 9.16
N ILE A 77 -11.47 13.76 8.61
CA ILE A 77 -11.92 13.75 7.22
C ILE A 77 -13.42 14.05 7.10
N TYR A 78 -13.81 14.97 6.18
CA TYR A 78 -15.21 15.36 5.95
C TYR A 78 -15.80 14.60 4.76
N LYS A 79 -14.99 14.43 3.71
CA LYS A 79 -15.34 13.71 2.49
C LYS A 79 -14.11 12.94 2.01
N TYR A 80 -14.21 11.62 1.90
CA TYR A 80 -13.11 10.82 1.39
C TYR A 80 -13.15 10.93 -0.13
N PRO A 81 -12.01 11.22 -0.77
CA PRO A 81 -12.02 11.34 -2.24
C PRO A 81 -12.37 10.03 -2.94
N ALA A 82 -13.19 10.10 -3.98
CA ALA A 82 -13.59 8.92 -4.75
C ALA A 82 -12.45 8.42 -5.65
N TRP A 83 -12.54 7.17 -6.16
CA TRP A 83 -11.55 6.64 -7.10
C TRP A 83 -11.50 7.53 -8.34
N GLY A 84 -10.32 8.03 -8.66
CA GLY A 84 -10.13 8.89 -9.81
C GLY A 84 -10.14 10.37 -9.53
N ASP A 85 -10.48 10.77 -8.29
CA ASP A 85 -10.51 12.19 -7.94
C ASP A 85 -9.12 12.75 -7.67
N VAL A 86 -8.93 14.04 -7.93
CA VAL A 86 -7.65 14.69 -7.65
C VAL A 86 -7.80 15.37 -6.30
N VAL A 87 -6.88 15.10 -5.38
CA VAL A 87 -6.90 15.73 -4.06
C VAL A 87 -5.65 16.58 -3.90
N GLU A 88 -5.80 17.85 -3.49
CA GLU A 88 -4.66 18.72 -3.27
C GLU A 88 -4.38 18.85 -1.77
N ILE A 89 -3.17 18.50 -1.33
CA ILE A 89 -2.77 18.62 0.07
C ILE A 89 -1.70 19.72 0.25
N GLU A 90 -1.92 20.63 1.20
CA GLU A 90 -0.92 21.65 1.53
C GLU A 90 -0.36 21.33 2.92
N THR A 91 0.96 21.44 3.10
CA THR A 91 1.58 21.09 4.37
C THR A 91 2.65 22.06 4.80
N TRP A 92 2.81 22.21 6.11
CA TRP A 92 3.79 23.09 6.68
C TRP A 92 4.20 22.64 8.09
N CYS A 93 5.32 23.15 8.59
CA CYS A 93 5.81 22.83 9.92
C CYS A 93 5.84 24.07 10.80
N GLN A 94 5.79 23.87 12.12
CA GLN A 94 5.90 24.96 13.09
C GLN A 94 6.61 24.44 14.32
N SER A 95 7.53 25.22 14.88
CA SER A 95 8.23 24.83 16.09
C SER A 95 7.35 25.14 17.29
N GLU A 96 7.34 24.25 18.28
CA GLU A 96 6.57 24.45 19.49
C GLU A 96 7.52 24.52 20.69
N GLY A 97 8.60 25.26 20.54
CA GLY A 97 9.59 25.42 21.60
C GLY A 97 10.49 24.21 21.73
N ARG A 98 10.93 23.94 22.95
CA ARG A 98 11.81 22.81 23.23
C ARG A 98 11.09 21.45 23.29
N ILE A 99 9.74 21.46 23.33
CA ILE A 99 8.91 20.26 23.38
C ILE A 99 9.11 19.47 22.06
N GLY A 100 8.96 20.15 20.94
CA GLY A 100 9.09 19.52 19.62
C GLY A 100 8.49 20.37 18.53
N THR A 101 8.23 19.77 17.38
CA THR A 101 7.66 20.49 16.24
C THR A 101 6.35 19.86 15.78
N ARG A 102 5.53 20.64 15.08
CA ARG A 102 4.24 20.20 14.60
C ARG A 102 4.18 20.25 13.08
N ARG A 103 3.68 19.18 12.42
CA ARG A 103 3.46 19.25 10.98
C ARG A 103 1.95 19.23 10.76
N ASP A 104 1.41 20.17 9.97
CA ASP A 104 -0.01 20.27 9.71
C ASP A 104 -0.35 20.05 8.23
N TRP A 105 -1.59 19.64 7.97
CA TRP A 105 -2.04 19.39 6.61
C TRP A 105 -3.47 19.86 6.42
N ILE A 106 -3.78 20.28 5.18
CA ILE A 106 -5.12 20.66 4.75
C ILE A 106 -5.34 19.88 3.46
N LEU A 107 -6.47 19.16 3.36
CA LEU A 107 -6.80 18.43 2.15
C LEU A 107 -7.95 19.14 1.48
N LYS A 108 -7.85 19.35 0.19
CA LYS A 108 -8.89 20.02 -0.57
C LYS A 108 -9.26 19.24 -1.82
N ASP A 109 -10.48 19.46 -2.33
CA ASP A 109 -10.89 18.87 -3.59
C ASP A 109 -10.27 19.78 -4.66
N SER A 110 -9.53 19.19 -5.61
CA SER A 110 -8.88 19.97 -6.66
C SER A 110 -9.90 20.64 -7.59
N VAL A 111 -11.07 20.02 -7.79
CA VAL A 111 -12.11 20.55 -8.64
C VAL A 111 -12.91 21.69 -7.99
N THR A 112 -13.43 21.47 -6.77
CA THR A 112 -14.26 22.49 -6.12
C THR A 112 -13.50 23.49 -5.25
N GLY A 113 -12.34 23.09 -4.75
CA GLY A 113 -11.57 23.93 -3.85
C GLY A 113 -11.98 23.83 -2.39
N GLU A 114 -13.04 23.06 -2.08
CA GLU A 114 -13.51 22.92 -0.71
C GLU A 114 -12.60 22.04 0.13
N VAL A 115 -12.45 22.38 1.42
CA VAL A 115 -11.64 21.60 2.36
C VAL A 115 -12.35 20.29 2.66
N THR A 116 -11.74 19.15 2.32
CA THR A 116 -12.34 17.84 2.57
C THR A 116 -11.71 17.07 3.76
N GLY A 117 -10.69 17.64 4.39
CA GLY A 117 -10.01 17.03 5.51
C GLY A 117 -8.88 17.88 6.04
N ARG A 118 -8.41 17.57 7.26
CA ARG A 118 -7.28 18.26 7.88
C ARG A 118 -6.56 17.35 8.88
N ALA A 119 -5.25 17.57 9.09
CA ALA A 119 -4.49 16.74 9.99
C ALA A 119 -3.39 17.52 10.74
N THR A 120 -3.01 17.01 11.90
CA THR A 120 -1.95 17.61 12.70
C THR A 120 -1.17 16.48 13.36
N SER A 121 0.15 16.63 13.45
CA SER A 121 0.98 15.63 14.08
C SER A 121 2.03 16.30 14.95
N LYS A 122 2.24 15.78 16.18
CA LYS A 122 3.26 16.29 17.10
C LYS A 122 4.50 15.39 16.99
N TRP A 123 5.67 15.98 16.81
CA TRP A 123 6.92 15.24 16.67
C TRP A 123 7.87 15.61 17.80
N VAL A 124 8.67 14.65 18.27
CA VAL A 124 9.64 14.86 19.35
C VAL A 124 11.04 14.39 18.91
N MET A 125 12.11 15.07 19.38
CA MET A 125 13.47 14.68 19.02
C MET A 125 13.96 13.54 19.92
N MET A 126 14.68 12.56 19.37
CA MET A 126 15.11 11.37 20.11
C MET A 126 16.45 10.82 19.60
N ASN A 127 17.24 10.16 20.47
CA ASN A 127 18.48 9.53 20.02
C ASN A 127 18.03 8.22 19.41
N GLN A 128 18.32 7.98 18.12
CA GLN A 128 17.85 6.76 17.46
C GLN A 128 18.35 5.44 18.04
N ASP A 129 19.46 5.47 18.79
CA ASP A 129 20.04 4.26 19.35
C ASP A 129 19.53 3.91 20.75
N THR A 130 19.50 4.91 21.64
CA THR A 130 19.04 4.71 23.01
C THR A 130 17.56 5.00 23.22
N ARG A 131 16.86 5.55 22.22
CA ARG A 131 15.46 5.95 22.29
C ARG A 131 15.18 7.01 23.37
N ARG A 132 16.22 7.68 23.87
CA ARG A 132 16.09 8.70 24.90
C ARG A 132 15.73 10.03 24.30
N LEU A 133 14.71 10.66 24.86
CA LEU A 133 14.23 11.94 24.38
C LEU A 133 15.09 13.08 24.84
N GLN A 134 15.13 14.16 24.08
CA GLN A 134 15.84 15.36 24.48
C GLN A 134 15.17 16.58 23.89
N LYS A 135 15.13 17.64 24.68
CA LYS A 135 14.54 18.90 24.23
C LYS A 135 15.44 19.52 23.15
N VAL A 136 14.82 20.18 22.17
CA VAL A 136 15.50 20.75 21.01
C VAL A 136 16.53 21.85 21.36
N SER A 137 17.78 21.70 20.86
CA SER A 137 18.81 22.69 21.10
C SER A 137 18.60 23.91 20.19
N ASP A 138 19.10 25.08 20.60
CA ASP A 138 18.93 26.29 19.80
C ASP A 138 19.60 26.22 18.43
N ASP A 139 20.78 25.57 18.34
CA ASP A 139 21.50 25.40 17.07
C ASP A 139 20.71 24.55 16.06
N VAL A 140 19.87 23.62 16.55
CA VAL A 140 19.04 22.78 15.71
C VAL A 140 17.75 23.54 15.36
N ARG A 141 17.17 24.21 16.36
CA ARG A 141 15.97 25.02 16.23
C ARG A 141 16.09 26.05 15.09
N ASP A 142 17.22 26.79 15.03
CA ASP A 142 17.49 27.81 14.00
C ASP A 142 17.55 27.26 12.59
N GLU A 143 17.95 25.99 12.43
CA GLU A 143 18.02 25.38 11.11
C GLU A 143 16.63 25.17 10.49
N TYR A 144 15.57 25.07 11.31
CA TYR A 144 14.22 24.86 10.82
C TYR A 144 13.40 26.14 10.70
N LEU A 145 13.66 27.14 11.57
CA LEU A 145 12.91 28.38 11.62
C LEU A 145 12.77 29.09 10.29
N VAL A 146 13.82 29.09 9.47
CA VAL A 146 13.77 29.77 8.17
C VAL A 146 12.86 29.07 7.14
N PHE A 147 12.27 27.91 7.48
CA PHE A 147 11.38 27.15 6.60
C PHE A 147 9.93 27.03 7.12
N CYS A 148 9.64 27.63 8.27
CA CYS A 148 8.34 27.58 8.92
C CYS A 148 7.75 28.98 9.04
N PRO A 149 6.42 29.14 9.02
CA PRO A 149 5.86 30.49 9.23
C PRO A 149 6.17 30.96 10.66
N GLN A 150 6.36 32.25 10.83
CA GLN A 150 6.69 32.81 12.15
C GLN A 150 5.41 33.08 12.94
N GLU A 151 4.37 33.59 12.27
CA GLU A 151 3.06 33.76 12.92
C GLU A 151 2.40 32.38 13.01
N PRO A 152 1.59 32.12 14.06
CA PRO A 152 0.97 30.79 14.18
C PRO A 152 0.01 30.47 13.04
N ARG A 153 0.09 29.26 12.52
CA ARG A 153 -0.76 28.81 11.43
C ARG A 153 -1.14 27.39 11.78
N LEU A 154 -2.34 27.21 12.34
CA LEU A 154 -2.77 25.91 12.81
C LEU A 154 -3.91 25.35 11.99
N ALA A 155 -3.78 24.09 11.55
CA ALA A 155 -4.88 23.42 10.85
C ALA A 155 -6.10 23.24 11.80
N PHE A 156 -5.86 23.19 13.13
CA PHE A 156 -6.92 23.06 14.12
C PHE A 156 -6.85 24.22 15.11
N PRO A 157 -7.34 25.42 14.72
CA PRO A 157 -7.22 26.57 15.62
C PRO A 157 -8.17 26.59 16.83
N GLU A 158 -9.38 26.01 16.71
CA GLU A 158 -10.43 25.95 17.76
C GLU A 158 -9.93 25.89 19.20
N GLU A 159 -10.58 26.68 20.08
CA GLU A 159 -10.28 26.85 21.51
C GLU A 159 -10.27 25.55 22.30
N ASN A 160 -11.19 24.66 21.96
CA ASN A 160 -11.28 23.36 22.61
C ASN A 160 -11.37 22.33 21.50
N ASN A 161 -10.24 22.07 20.83
CA ASN A 161 -10.22 21.13 19.71
C ASN A 161 -9.77 19.72 20.11
N ARG A 162 -10.28 18.72 19.38
CA ARG A 162 -10.06 17.28 19.59
C ARG A 162 -8.61 16.81 19.47
N SER A 163 -7.75 17.57 18.78
CA SER A 163 -6.36 17.20 18.58
C SER A 163 -5.48 17.26 19.83
N LEU A 164 -5.92 18.02 20.84
CA LEU A 164 -5.13 18.19 22.06
C LEU A 164 -5.80 17.60 23.31
N LYS A 165 -6.74 16.67 23.14
CA LYS A 165 -7.43 16.07 24.28
C LYS A 165 -6.64 14.89 24.84
N LYS A 166 -6.61 14.76 26.18
CA LYS A 166 -5.92 13.68 26.89
C LYS A 166 -6.64 12.33 26.59
N ILE A 167 -5.87 11.26 26.30
CA ILE A 167 -6.41 9.92 26.00
C ILE A 167 -6.15 8.93 27.16
N PRO A 168 -7.23 8.35 27.72
CA PRO A 168 -7.03 7.39 28.82
C PRO A 168 -6.67 5.97 28.36
N LYS A 169 -6.21 5.14 29.30
CA LYS A 169 -5.85 3.77 28.97
C LYS A 169 -7.06 2.84 29.10
N LEU A 170 -7.35 2.06 28.03
CA LEU A 170 -8.45 1.11 27.95
C LEU A 170 -8.34 0.10 29.09
N GLU A 171 -9.45 -0.11 29.81
CA GLU A 171 -9.51 -1.03 30.92
C GLU A 171 -9.90 -2.44 30.46
N ASP A 172 -9.26 -3.48 31.04
CA ASP A 172 -9.58 -4.87 30.73
C ASP A 172 -10.83 -5.29 31.50
N PRO A 173 -11.74 -6.06 30.89
CA PRO A 173 -11.69 -6.59 29.53
C PRO A 173 -12.09 -5.61 28.43
N ALA A 174 -11.53 -5.78 27.25
CA ALA A 174 -11.86 -4.95 26.10
C ALA A 174 -13.17 -5.49 25.51
N GLN A 175 -14.05 -4.60 25.00
CA GLN A 175 -15.32 -5.06 24.44
C GLN A 175 -15.08 -5.87 23.16
N TYR A 176 -14.13 -5.41 22.33
CA TYR A 176 -13.72 -6.08 21.08
C TYR A 176 -12.18 -6.27 21.04
N SER A 177 -11.69 -7.25 20.25
CA SER A 177 -10.26 -7.46 20.13
C SER A 177 -9.86 -8.15 18.83
N MET A 178 -8.65 -7.87 18.38
CA MET A 178 -8.04 -8.50 17.22
C MET A 178 -6.62 -8.84 17.65
N ILE A 179 -6.33 -10.15 17.82
CA ILE A 179 -5.15 -10.80 18.39
C ILE A 179 -4.20 -11.38 17.34
N GLY A 180 -2.91 -11.36 17.63
CA GLY A 180 -1.89 -11.98 16.79
C GLY A 180 -1.54 -11.24 15.51
N LEU A 181 -1.60 -9.89 15.53
CA LEU A 181 -1.27 -9.07 14.36
C LEU A 181 0.25 -8.89 14.22
N LYS A 182 0.81 -9.31 13.09
CA LYS A 182 2.26 -9.19 12.86
C LYS A 182 2.50 -8.43 11.58
N PRO A 183 3.55 -7.59 11.53
CA PRO A 183 3.84 -6.88 10.28
C PRO A 183 4.57 -7.72 9.23
N ARG A 184 4.29 -7.52 7.95
CA ARG A 184 5.04 -8.20 6.89
C ARG A 184 6.04 -7.22 6.24
N ARG A 185 6.82 -7.64 5.21
CA ARG A 185 7.80 -6.73 4.60
C ARG A 185 7.16 -5.49 3.98
N ALA A 186 5.91 -5.59 3.49
CA ALA A 186 5.24 -4.43 2.92
C ALA A 186 4.95 -3.35 3.99
N ASP A 187 4.88 -3.74 5.27
CA ASP A 187 4.66 -2.82 6.39
C ASP A 187 5.93 -2.09 6.85
N LEU A 188 7.11 -2.48 6.35
CA LEU A 188 8.35 -1.84 6.75
C LEU A 188 8.70 -0.73 5.80
N ASP A 189 9.42 0.28 6.28
CA ASP A 189 9.90 1.37 5.44
C ASP A 189 11.33 1.06 4.91
N MET A 190 12.00 2.01 4.25
CA MET A 190 13.36 1.82 3.74
C MET A 190 14.39 1.55 4.85
N ASN A 191 14.11 2.01 6.10
CA ASN A 191 15.01 1.77 7.24
C ASN A 191 14.67 0.48 8.04
N GLN A 192 13.71 -0.33 7.54
CA GLN A 192 13.22 -1.58 8.10
C GLN A 192 12.41 -1.40 9.41
N HIS A 193 11.93 -0.20 9.68
CA HIS A 193 11.06 0.10 10.82
C HIS A 193 9.60 -0.07 10.35
N VAL A 194 8.67 -0.43 11.26
CA VAL A 194 7.25 -0.54 10.88
C VAL A 194 6.73 0.88 10.59
N ASN A 195 6.12 1.09 9.42
CA ASN A 195 5.57 2.37 8.98
C ASN A 195 4.48 2.86 9.94
N ASN A 196 4.45 4.17 10.23
CA ASN A 196 3.47 4.76 11.14
C ASN A 196 2.03 4.47 10.78
N VAL A 197 1.75 4.33 9.49
CA VAL A 197 0.43 4.07 8.96
C VAL A 197 -0.08 2.69 9.36
N THR A 198 0.80 1.68 9.40
CA THR A 198 0.46 0.30 9.78
C THR A 198 -0.26 0.25 11.12
N TYR A 199 0.18 1.09 12.08
CA TYR A 199 -0.40 1.18 13.42
C TYR A 199 -1.86 1.66 13.36
N ILE A 200 -2.16 2.56 12.42
CA ILE A 200 -3.52 3.05 12.20
C ILE A 200 -4.40 1.88 11.74
N GLY A 201 -3.88 1.04 10.84
CA GLY A 201 -4.60 -0.13 10.37
C GLY A 201 -4.83 -1.14 11.47
N TRP A 202 -3.81 -1.36 12.32
CA TRP A 202 -3.93 -2.30 13.43
C TRP A 202 -4.96 -1.80 14.44
N VAL A 203 -4.98 -0.48 14.72
CA VAL A 203 -5.98 0.11 15.61
C VAL A 203 -7.40 -0.15 15.09
N LEU A 204 -7.63 0.08 13.79
CA LEU A 204 -8.95 -0.11 13.19
C LEU A 204 -9.39 -1.57 13.02
N GLU A 205 -8.48 -2.55 13.17
CA GLU A 205 -8.80 -3.97 13.02
C GLU A 205 -9.75 -4.52 14.10
N SER A 206 -9.74 -3.90 15.28
CA SER A 206 -10.62 -4.31 16.37
C SER A 206 -12.01 -3.63 16.31
N ILE A 207 -12.26 -2.76 15.32
CA ILE A 207 -13.57 -2.14 15.11
C ILE A 207 -14.41 -3.21 14.41
N PRO A 208 -15.60 -3.53 14.91
CA PRO A 208 -16.41 -4.58 14.25
C PRO A 208 -16.79 -4.21 12.82
N GLN A 209 -16.91 -5.22 11.94
CA GLN A 209 -17.24 -5.03 10.54
C GLN A 209 -18.58 -4.31 10.37
N GLU A 210 -19.57 -4.57 11.23
CA GLU A 210 -20.88 -3.90 11.17
C GLU A 210 -20.73 -2.40 11.34
N ILE A 211 -19.84 -1.95 12.24
CA ILE A 211 -19.61 -0.51 12.42
C ILE A 211 -19.01 0.07 11.14
N VAL A 212 -18.06 -0.63 10.53
CA VAL A 212 -17.41 -0.19 9.30
C VAL A 212 -18.42 -0.06 8.16
N ASP A 213 -19.33 -1.03 8.03
CA ASP A 213 -20.36 -1.06 6.98
C ASP A 213 -21.53 -0.07 7.16
N THR A 214 -21.81 0.39 8.40
CA THR A 214 -22.91 1.32 8.62
C THR A 214 -22.45 2.75 8.95
N HIS A 215 -21.17 2.93 9.28
CA HIS A 215 -20.63 4.23 9.65
C HIS A 215 -19.40 4.61 8.83
N GLU A 216 -19.02 5.90 8.87
CA GLU A 216 -17.80 6.38 8.23
C GLU A 216 -16.88 7.01 9.27
N LEU A 217 -15.58 6.78 9.17
CA LEU A 217 -14.62 7.35 10.13
C LEU A 217 -14.53 8.86 9.92
N GLN A 218 -14.84 9.63 10.96
CA GLN A 218 -14.74 11.09 10.89
C GLN A 218 -13.42 11.54 11.53
N VAL A 219 -13.13 11.10 12.76
CA VAL A 219 -11.94 11.57 13.47
C VAL A 219 -11.14 10.39 14.04
N ILE A 220 -9.80 10.52 14.08
CA ILE A 220 -8.89 9.55 14.68
C ILE A 220 -7.74 10.32 15.34
N THR A 221 -7.45 10.01 16.60
CA THR A 221 -6.36 10.61 17.36
C THR A 221 -5.53 9.45 17.89
N LEU A 222 -4.25 9.42 17.59
CA LEU A 222 -3.38 8.32 17.97
C LEU A 222 -2.10 8.75 18.66
N ASP A 223 -1.87 8.29 19.88
CA ASP A 223 -0.63 8.53 20.62
C ASP A 223 0.33 7.38 20.40
N TYR A 224 1.58 7.69 20.05
CA TYR A 224 2.65 6.73 19.80
C TYR A 224 3.54 6.69 21.04
N ARG A 225 3.73 5.51 21.59
CA ARG A 225 4.49 5.35 22.83
C ARG A 225 5.75 4.53 22.63
N ARG A 226 5.68 3.52 21.77
CA ARG A 226 6.80 2.60 21.57
C ARG A 226 6.71 1.95 20.21
N GLU A 227 7.84 1.56 19.66
CA GLU A 227 7.89 0.88 18.37
C GLU A 227 7.57 -0.59 18.49
N CYS A 228 6.97 -1.15 17.45
CA CYS A 228 6.75 -2.59 17.35
C CYS A 228 7.89 -3.05 16.41
N GLN A 229 8.76 -3.94 16.89
CA GLN A 229 9.85 -4.45 16.06
C GLN A 229 9.31 -5.41 15.00
N GLN A 230 10.09 -5.66 13.94
CA GLN A 230 9.73 -6.53 12.82
C GLN A 230 9.25 -7.91 13.30
N ASP A 231 9.88 -8.43 14.37
CA ASP A 231 9.59 -9.73 14.95
C ASP A 231 8.66 -9.68 16.19
N ASP A 232 7.83 -8.64 16.31
CA ASP A 232 6.89 -8.51 17.43
C ASP A 232 5.45 -8.84 16.98
N VAL A 233 4.60 -9.28 17.92
CA VAL A 233 3.19 -9.60 17.68
C VAL A 233 2.33 -8.60 18.47
N VAL A 234 1.25 -8.10 17.87
CA VAL A 234 0.41 -7.07 18.47
C VAL A 234 -1.04 -7.48 18.70
N ASP A 235 -1.60 -7.05 19.81
CA ASP A 235 -3.00 -7.21 20.18
C ASP A 235 -3.64 -5.82 20.06
N SER A 236 -4.78 -5.74 19.35
CA SER A 236 -5.58 -4.52 19.14
C SER A 236 -6.87 -4.64 19.96
N LEU A 237 -7.12 -3.66 20.81
CA LEU A 237 -8.25 -3.68 21.72
C LEU A 237 -9.11 -2.43 21.52
N THR A 238 -10.45 -2.60 21.50
CA THR A 238 -11.41 -1.51 21.31
C THR A 238 -12.61 -1.65 22.29
N THR A 239 -13.10 -0.51 22.81
CA THR A 239 -14.28 -0.47 23.66
C THR A 239 -15.13 0.75 23.30
N THR A 240 -16.45 0.58 23.15
CA THR A 240 -17.35 1.69 22.82
C THR A 240 -17.45 2.64 24.01
N THR A 241 -17.20 3.92 23.81
CA THR A 241 -17.34 4.91 24.88
C THR A 241 -18.58 5.80 24.72
N SER A 242 -19.36 5.64 23.64
CA SER A 242 -20.58 6.41 23.45
C SER A 242 -21.80 5.59 23.91
N ASN A 259 -26.52 9.08 17.20
CA ASN A 259 -26.01 8.98 15.82
C ASN A 259 -24.52 8.63 15.79
N ASP A 260 -23.70 9.39 16.50
CA ASP A 260 -22.26 9.17 16.50
C ASP A 260 -21.82 8.01 17.37
N SER A 261 -20.71 7.39 17.00
CA SER A 261 -20.14 6.28 17.74
C SER A 261 -18.68 6.62 18.06
N GLN A 262 -18.27 6.45 19.33
CA GLN A 262 -16.91 6.72 19.75
C GLN A 262 -16.31 5.47 20.36
N PHE A 263 -15.01 5.28 20.17
CA PHE A 263 -14.31 4.11 20.69
C PHE A 263 -13.00 4.50 21.37
N LEU A 264 -12.57 3.69 22.32
CA LEU A 264 -11.29 3.85 23.00
C LEU A 264 -10.44 2.69 22.50
N HIS A 265 -9.20 2.96 22.11
CA HIS A 265 -8.34 1.95 21.52
C HIS A 265 -7.04 1.75 22.27
N LEU A 266 -6.49 0.53 22.20
CA LEU A 266 -5.22 0.20 22.81
C LEU A 266 -4.49 -0.83 21.99
N LEU A 267 -3.25 -0.54 21.61
CA LEU A 267 -2.37 -1.50 20.94
C LEU A 267 -1.33 -1.90 21.98
N ARG A 268 -1.14 -3.19 22.19
CA ARG A 268 -0.15 -3.69 23.13
C ARG A 268 0.50 -4.95 22.56
N LEU A 269 1.70 -5.26 23.03
CA LEU A 269 2.41 -6.44 22.56
C LEU A 269 1.77 -7.70 23.12
N SER A 270 1.51 -8.69 22.25
CA SER A 270 0.83 -9.97 22.54
C SER A 270 1.33 -10.70 23.76
N GLY A 271 2.62 -10.62 24.00
CA GLY A 271 3.22 -11.29 25.14
C GLY A 271 2.95 -10.61 26.45
N ASP A 272 3.88 -9.76 26.86
CA ASP A 272 3.90 -9.04 28.13
C ASP A 272 2.80 -7.98 28.31
N GLY A 273 2.12 -7.59 27.24
CA GLY A 273 1.09 -6.57 27.31
C GLY A 273 1.65 -5.15 27.36
N GLN A 274 2.92 -4.95 26.91
CA GLN A 274 3.58 -3.64 26.88
C GLN A 274 2.86 -2.74 25.88
N GLU A 275 2.44 -1.55 26.32
CA GLU A 275 1.74 -0.59 25.46
C GLU A 275 2.60 0.01 24.37
N ILE A 276 2.08 0.02 23.14
CA ILE A 276 2.77 0.64 22.03
C ILE A 276 1.95 1.82 21.47
N ASN A 277 0.60 1.77 21.59
CA ASN A 277 -0.26 2.83 21.10
C ASN A 277 -1.58 2.91 21.88
N ARG A 278 -2.22 4.06 21.84
CA ARG A 278 -3.54 4.32 22.41
C ARG A 278 -4.26 5.43 21.57
N GLY A 279 -5.59 5.37 21.52
CA GLY A 279 -6.33 6.37 20.75
C GLY A 279 -7.84 6.36 20.89
N THR A 280 -8.49 7.23 20.14
CA THR A 280 -9.94 7.37 20.06
C THR A 280 -10.34 7.55 18.59
N THR A 281 -11.49 7.01 18.20
CA THR A 281 -12.05 7.20 16.87
C THR A 281 -13.50 7.67 17.00
N LEU A 282 -13.94 8.52 16.08
CA LEU A 282 -15.30 9.00 16.06
C LEU A 282 -15.87 8.67 14.70
N TRP A 283 -17.03 8.04 14.66
CA TRP A 283 -17.69 7.64 13.42
C TRP A 283 -19.08 8.24 13.34
N ARG A 284 -19.63 8.43 12.13
CA ARG A 284 -21.01 8.92 12.01
C ARG A 284 -21.82 8.08 11.02
N LYS A 285 -23.14 8.02 11.21
CA LYS A 285 -24.00 7.20 10.37
C LYS A 285 -23.98 7.70 8.92
N LYS A 286 -23.95 6.75 7.96
CA LYS A 286 -23.91 7.10 6.53
C LYS A 286 -25.25 7.68 6.07
N GLY B 2 -2.90 8.96 -17.84
CA GLY B 2 -2.72 7.91 -18.84
C GLY B 2 -3.64 8.08 -20.04
N SER B 3 -3.47 7.23 -21.04
CA SER B 3 -4.29 7.28 -22.25
C SER B 3 -3.99 6.10 -23.15
N LEU B 4 -4.99 5.70 -23.98
CA LEU B 4 -4.83 4.66 -24.99
C LEU B 4 -3.86 5.21 -26.05
N THR B 5 -3.02 4.37 -26.65
CA THR B 5 -2.07 4.81 -27.68
C THR B 5 -2.83 5.25 -28.96
N GLU B 6 -2.10 5.81 -29.95
CA GLU B 6 -2.67 6.28 -31.21
C GLU B 6 -3.61 5.28 -31.88
N ASP B 7 -3.22 3.99 -31.95
CA ASP B 7 -4.07 3.01 -32.62
C ASP B 7 -5.22 2.47 -31.72
N GLY B 8 -5.20 2.76 -30.42
CA GLY B 8 -6.22 2.36 -29.48
C GLY B 8 -6.19 0.90 -29.07
N LEU B 9 -5.10 0.17 -29.44
CA LEU B 9 -5.00 -1.26 -29.09
C LEU B 9 -4.11 -1.55 -27.86
N SER B 10 -3.67 -0.51 -27.15
CA SER B 10 -2.88 -0.58 -25.92
C SER B 10 -3.04 0.74 -25.11
N TYR B 11 -2.64 0.74 -23.83
CA TYR B 11 -2.80 1.90 -22.94
C TYR B 11 -1.49 2.22 -22.24
N LYS B 12 -1.10 3.50 -22.15
CA LYS B 12 0.13 3.90 -21.49
C LYS B 12 -0.10 4.80 -20.29
N GLU B 13 0.74 4.70 -19.25
CA GLU B 13 0.63 5.54 -18.06
C GLU B 13 1.99 5.72 -17.35
N LYS B 14 2.27 6.95 -16.86
CA LYS B 14 3.49 7.25 -16.12
C LYS B 14 3.19 7.31 -14.63
N PHE B 15 4.14 6.88 -13.79
CA PHE B 15 3.99 6.88 -12.33
C PHE B 15 5.26 7.39 -11.66
N VAL B 16 5.16 8.27 -10.67
CA VAL B 16 6.34 8.74 -9.93
C VAL B 16 6.44 7.88 -8.66
N VAL B 17 7.59 7.24 -8.42
CA VAL B 17 7.78 6.37 -7.26
C VAL B 17 7.72 7.15 -5.94
N ARG B 18 6.80 6.75 -5.05
CA ARG B 18 6.55 7.37 -3.74
C ARG B 18 7.47 6.84 -2.64
N SER B 19 7.64 7.63 -1.56
CA SER B 19 8.49 7.33 -0.41
C SER B 19 8.12 6.06 0.32
N TYR B 20 6.81 5.83 0.53
CA TYR B 20 6.35 4.62 1.20
C TYR B 20 6.29 3.39 0.28
N GLU B 21 6.59 3.56 -1.03
CA GLU B 21 6.56 2.45 -1.99
C GLU B 21 7.92 1.74 -2.14
N VAL B 22 8.99 2.26 -1.52
CA VAL B 22 10.34 1.71 -1.68
C VAL B 22 10.77 0.80 -0.53
N GLY B 23 11.68 -0.12 -0.86
CA GLY B 23 12.25 -1.08 0.08
C GLY B 23 13.54 -0.62 0.73
N SER B 24 14.27 -1.56 1.33
CA SER B 24 15.52 -1.35 2.07
C SER B 24 16.67 -0.77 1.26
N ASN B 25 16.59 -0.81 -0.08
CA ASN B 25 17.65 -0.25 -0.91
C ASN B 25 17.20 0.96 -1.76
N LYS B 26 16.13 1.66 -1.29
CA LYS B 26 15.60 2.89 -1.87
C LYS B 26 15.02 2.73 -3.28
N THR B 27 14.53 1.53 -3.64
CA THR B 27 13.89 1.27 -4.92
C THR B 27 12.51 0.62 -4.68
N ALA B 28 11.55 0.82 -5.60
CA ALA B 28 10.20 0.30 -5.43
C ALA B 28 10.17 -1.22 -5.21
N THR B 29 9.29 -1.70 -4.31
CA THR B 29 9.17 -3.13 -4.05
C THR B 29 8.45 -3.85 -5.21
N VAL B 30 8.55 -5.20 -5.29
CA VAL B 30 7.83 -5.94 -6.34
C VAL B 30 6.29 -5.83 -6.15
N GLU B 31 5.83 -5.60 -4.91
CA GLU B 31 4.42 -5.41 -4.63
C GLU B 31 3.96 -4.04 -5.11
N THR B 32 4.83 -3.01 -5.06
CA THR B 32 4.53 -1.70 -5.61
C THR B 32 4.39 -1.84 -7.14
N ILE B 33 5.32 -2.58 -7.78
CA ILE B 33 5.23 -2.83 -9.22
C ILE B 33 3.91 -3.53 -9.57
N ALA B 34 3.58 -4.63 -8.87
CA ALA B 34 2.35 -5.40 -9.07
C ALA B 34 1.10 -4.53 -8.90
N ASN B 35 1.14 -3.57 -7.96
CA ASN B 35 0.04 -2.63 -7.72
C ASN B 35 -0.10 -1.69 -8.90
N LEU B 36 1.03 -1.22 -9.45
CA LEU B 36 1.06 -0.31 -10.58
C LEU B 36 0.51 -1.00 -11.84
N LEU B 37 0.84 -2.28 -12.06
CA LEU B 37 0.31 -3.03 -13.22
C LEU B 37 -1.22 -3.13 -13.12
N GLN B 38 -1.72 -3.38 -11.93
CA GLN B 38 -3.13 -3.50 -11.62
C GLN B 38 -3.82 -2.15 -11.86
N GLU B 39 -3.17 -1.05 -11.45
CA GLU B 39 -3.68 0.30 -11.67
C GLU B 39 -3.75 0.64 -13.16
N VAL B 40 -2.69 0.38 -13.95
CA VAL B 40 -2.73 0.68 -15.39
C VAL B 40 -3.76 -0.25 -16.11
N GLY B 41 -3.92 -1.48 -15.64
CA GLY B 41 -4.90 -2.42 -16.18
C GLY B 41 -6.33 -1.95 -15.95
N CYS B 42 -6.58 -1.44 -14.76
CA CYS B 42 -7.87 -0.90 -14.40
C CYS B 42 -8.20 0.32 -15.25
N ASN B 43 -7.21 1.21 -15.46
CA ASN B 43 -7.38 2.41 -16.27
C ASN B 43 -7.61 2.09 -17.76
N HIS B 44 -7.03 0.99 -18.25
CA HIS B 44 -7.24 0.57 -19.64
C HIS B 44 -8.69 0.10 -19.83
N ALA B 45 -9.23 -0.63 -18.84
CA ALA B 45 -10.61 -1.13 -18.84
C ALA B 45 -11.63 0.03 -18.75
N GLN B 46 -11.32 1.05 -17.95
CA GLN B 46 -12.21 2.20 -17.80
C GLN B 46 -12.26 3.02 -19.07
N SER B 47 -11.11 3.17 -19.75
CA SER B 47 -11.01 3.98 -20.96
C SER B 47 -11.82 3.45 -22.13
N VAL B 48 -12.28 2.19 -22.08
CA VAL B 48 -13.08 1.65 -23.18
C VAL B 48 -14.43 1.10 -22.75
N GLY B 49 -14.89 1.36 -21.53
CA GLY B 49 -16.22 0.95 -21.11
C GLY B 49 -16.40 -0.31 -20.31
N PHE B 50 -15.32 -1.02 -19.97
CA PHE B 50 -15.44 -2.23 -19.15
C PHE B 50 -15.56 -1.87 -17.66
N SER B 51 -15.87 -2.87 -16.83
CA SER B 51 -15.99 -2.70 -15.39
C SER B 51 -14.69 -2.22 -14.76
N THR B 52 -14.78 -1.58 -13.57
CA THR B 52 -13.58 -1.09 -12.88
C THR B 52 -13.38 -1.69 -11.49
N ASP B 53 -13.91 -2.89 -11.29
CA ASP B 53 -13.83 -3.61 -10.01
C ASP B 53 -12.72 -4.68 -9.95
N GLY B 54 -11.87 -4.71 -10.96
CA GLY B 54 -10.82 -5.72 -11.04
C GLY B 54 -11.22 -6.91 -11.87
N PHE B 55 -12.50 -7.00 -12.29
CA PHE B 55 -12.97 -8.12 -13.09
C PHE B 55 -13.05 -7.83 -14.60
N ALA B 56 -12.86 -6.54 -15.03
CA ALA B 56 -12.89 -6.12 -16.46
C ALA B 56 -14.00 -6.80 -17.26
N THR B 57 -15.19 -6.73 -16.73
CA THR B 57 -16.37 -7.42 -17.20
C THR B 57 -17.23 -6.59 -18.17
N THR B 58 -18.06 -7.30 -18.95
CA THR B 58 -19.00 -6.71 -19.90
C THR B 58 -20.44 -6.76 -19.34
N THR B 59 -21.39 -6.02 -19.96
CA THR B 59 -22.79 -6.04 -19.49
C THR B 59 -23.41 -7.43 -19.65
N THR B 60 -22.94 -8.21 -20.64
CA THR B 60 -23.42 -9.58 -20.84
C THR B 60 -22.93 -10.46 -19.67
N MET B 61 -21.68 -10.28 -19.23
CA MET B 61 -21.11 -11.04 -18.11
C MET B 61 -21.80 -10.69 -16.80
N ARG B 62 -22.11 -9.41 -16.57
CA ARG B 62 -22.78 -8.99 -15.33
C ARG B 62 -24.13 -9.65 -15.13
N LYS B 63 -24.95 -9.74 -16.19
CA LYS B 63 -26.27 -10.39 -16.14
C LYS B 63 -26.14 -11.87 -15.79
N LEU B 64 -25.08 -12.52 -16.29
CA LEU B 64 -24.81 -13.93 -16.08
C LEU B 64 -24.00 -14.24 -14.82
N HIS B 65 -23.54 -13.20 -14.08
CA HIS B 65 -22.71 -13.32 -12.90
C HIS B 65 -21.33 -13.93 -13.25
N LEU B 66 -20.78 -13.56 -14.41
CA LEU B 66 -19.48 -14.04 -14.86
C LEU B 66 -18.44 -12.97 -14.57
N ILE B 67 -17.24 -13.40 -14.17
CA ILE B 67 -16.09 -12.52 -13.89
C ILE B 67 -14.80 -13.10 -14.52
N TRP B 68 -13.75 -12.32 -14.58
CA TRP B 68 -12.44 -12.77 -15.02
C TRP B 68 -11.60 -12.89 -13.77
N VAL B 69 -10.89 -14.02 -13.57
CA VAL B 69 -10.00 -14.17 -12.43
C VAL B 69 -8.59 -14.57 -12.86
N THR B 70 -7.56 -14.14 -12.11
CA THR B 70 -6.18 -14.46 -12.45
C THR B 70 -5.91 -15.94 -12.20
N ALA B 71 -5.24 -16.59 -13.13
CA ALA B 71 -4.82 -17.98 -13.03
C ALA B 71 -3.28 -18.00 -12.84
N ARG B 72 -2.58 -17.11 -13.52
CA ARG B 72 -1.13 -17.04 -13.48
C ARG B 72 -0.67 -15.60 -13.56
N MET B 73 0.38 -15.24 -12.83
CA MET B 73 1.00 -13.92 -12.91
C MET B 73 2.52 -14.14 -12.98
N HIS B 74 3.18 -13.58 -14.00
CA HIS B 74 4.61 -13.73 -14.16
C HIS B 74 5.25 -12.36 -14.31
N ILE B 75 6.22 -12.02 -13.47
CA ILE B 75 6.90 -10.73 -13.52
C ILE B 75 8.42 -10.89 -13.58
N GLU B 76 9.10 -10.13 -14.45
N GLU B 76 9.09 -10.12 -14.46
N GLU B 76 9.10 -10.13 -14.45
CA GLU B 76 10.55 -10.16 -14.57
CA GLU B 76 10.54 -10.13 -14.61
CA GLU B 76 10.55 -10.16 -14.57
C GLU B 76 11.10 -8.73 -14.58
C GLU B 76 11.05 -8.69 -14.56
C GLU B 76 11.09 -8.73 -14.57
N ILE B 77 11.73 -8.30 -13.47
CA ILE B 77 12.28 -6.95 -13.33
C ILE B 77 13.79 -6.92 -13.51
N TYR B 78 14.32 -5.97 -14.33
CA TYR B 78 15.76 -5.81 -14.60
C TYR B 78 16.37 -4.73 -13.71
N LYS B 79 15.63 -3.64 -13.51
CA LYS B 79 16.01 -2.51 -12.68
C LYS B 79 14.76 -2.00 -11.96
N TYR B 80 14.76 -2.00 -10.62
CA TYR B 80 13.65 -1.46 -9.87
C TYR B 80 13.80 0.06 -9.86
N PRO B 81 12.74 0.80 -10.17
CA PRO B 81 12.85 2.27 -10.18
C PRO B 81 13.16 2.85 -8.79
N ALA B 82 14.05 3.82 -8.73
CA ALA B 82 14.41 4.46 -7.45
C ALA B 82 13.29 5.41 -6.97
N TRP B 83 13.32 5.81 -5.68
CA TRP B 83 12.36 6.78 -5.14
C TRP B 83 12.47 8.09 -5.94
N GLY B 84 11.36 8.53 -6.49
CA GLY B 84 11.33 9.77 -7.25
C GLY B 84 11.43 9.60 -8.76
N ASP B 85 11.70 8.37 -9.24
CA ASP B 85 11.82 8.12 -10.68
C ASP B 85 10.45 8.00 -11.35
N VAL B 86 10.37 8.35 -12.62
CA VAL B 86 9.13 8.22 -13.38
C VAL B 86 9.23 6.91 -14.15
N VAL B 87 8.22 6.05 -14.02
CA VAL B 87 8.21 4.79 -14.75
C VAL B 87 7.01 4.77 -15.69
N GLU B 88 7.23 4.45 -16.98
CA GLU B 88 6.13 4.38 -17.94
C GLU B 88 5.76 2.92 -18.22
N ILE B 89 4.50 2.56 -17.99
CA ILE B 89 4.02 1.20 -18.24
C ILE B 89 3.01 1.18 -19.42
N GLU B 90 3.22 0.29 -20.38
CA GLU B 90 2.29 0.11 -21.49
C GLU B 90 1.62 -1.26 -21.32
N THR B 91 0.29 -1.33 -21.54
CA THR B 91 -0.43 -2.58 -21.33
C THR B 91 -1.46 -2.85 -22.40
N TRP B 92 -1.69 -4.13 -22.68
CA TRP B 92 -2.64 -4.55 -23.67
C TRP B 92 -3.17 -5.97 -23.37
N CYS B 93 -4.30 -6.34 -23.99
CA CYS B 93 -4.89 -7.65 -23.83
C CYS B 93 -4.87 -8.43 -25.13
N GLN B 94 -4.93 -9.76 -25.03
CA GLN B 94 -5.02 -10.61 -26.22
C GLN B 94 -5.82 -11.87 -25.86
N SER B 95 -6.72 -12.30 -26.74
CA SER B 95 -7.53 -13.50 -26.50
C SER B 95 -6.71 -14.74 -26.82
N GLU B 96 -6.84 -15.77 -26.00
CA GLU B 96 -6.14 -17.03 -26.24
C GLU B 96 -7.16 -18.15 -26.45
N GLY B 97 -8.17 -17.87 -27.26
CA GLY B 97 -9.21 -18.84 -27.55
C GLY B 97 -10.21 -18.98 -26.42
N ARG B 98 -10.73 -20.19 -26.25
CA ARG B 98 -11.72 -20.47 -25.21
C ARG B 98 -11.11 -20.75 -23.83
N ILE B 99 -9.78 -20.80 -23.74
CA ILE B 99 -9.05 -21.01 -22.50
C ILE B 99 -9.18 -19.74 -21.63
N GLY B 100 -8.89 -18.59 -22.21
CA GLY B 100 -8.95 -17.33 -21.49
C GLY B 100 -8.26 -16.21 -22.24
N THR B 101 -7.95 -15.13 -21.51
CA THR B 101 -7.37 -13.91 -22.05
C THR B 101 -6.07 -13.57 -21.31
N ARG B 102 -5.12 -12.97 -22.02
CA ARG B 102 -3.84 -12.62 -21.46
C ARG B 102 -3.68 -11.11 -21.38
N ARG B 103 -3.22 -10.56 -20.24
CA ARG B 103 -2.89 -9.14 -20.17
C ARG B 103 -1.37 -9.05 -20.03
N ASP B 104 -0.72 -8.22 -20.87
CA ASP B 104 0.72 -8.06 -20.85
C ASP B 104 1.14 -6.64 -20.48
N TRP B 105 2.36 -6.49 -19.96
CA TRP B 105 2.90 -5.19 -19.57
C TRP B 105 4.36 -5.07 -19.93
N ILE B 106 4.80 -3.84 -20.24
CA ILE B 106 6.17 -3.47 -20.48
C ILE B 106 6.43 -2.26 -19.58
N LEU B 107 7.49 -2.32 -18.77
N LEU B 107 7.48 -2.32 -18.78
N LEU B 107 7.49 -2.32 -18.77
CA LEU B 107 7.87 -1.22 -17.90
CA LEU B 107 7.86 -1.22 -17.91
CA LEU B 107 7.87 -1.22 -17.90
C LEU B 107 9.11 -0.58 -18.47
C LEU B 107 9.11 -0.58 -18.47
C LEU B 107 9.11 -0.58 -18.47
N LYS B 108 9.12 0.74 -18.60
CA LYS B 108 10.27 1.47 -19.15
C LYS B 108 10.66 2.63 -18.26
N ASP B 109 11.91 3.07 -18.35
CA ASP B 109 12.36 4.25 -17.63
C ASP B 109 11.90 5.43 -18.50
N SER B 110 11.18 6.39 -17.89
CA SER B 110 10.67 7.53 -18.63
C SER B 110 11.80 8.43 -19.14
N VAL B 111 12.92 8.49 -18.42
CA VAL B 111 14.06 9.30 -18.80
C VAL B 111 14.90 8.69 -19.93
N THR B 112 15.31 7.41 -19.78
CA THR B 112 16.17 6.78 -20.78
C THR B 112 15.43 6.05 -21.90
N GLY B 113 14.21 5.62 -21.64
CA GLY B 113 13.44 4.84 -22.61
C GLY B 113 13.73 3.34 -22.58
N GLU B 114 14.71 2.91 -21.78
CA GLU B 114 15.08 1.50 -21.72
C GLU B 114 14.05 0.66 -20.97
N VAL B 115 13.83 -0.58 -21.43
CA VAL B 115 12.91 -1.51 -20.78
C VAL B 115 13.51 -1.98 -19.45
N THR B 116 12.86 -1.67 -18.32
CA THR B 116 13.33 -2.07 -17.00
C THR B 116 12.56 -3.25 -16.37
N GLY B 117 11.56 -3.76 -17.06
CA GLY B 117 10.75 -4.87 -16.60
C GLY B 117 9.63 -5.25 -17.56
N ARG B 118 9.03 -6.42 -17.34
N ARG B 118 9.03 -6.42 -17.34
N ARG B 118 9.03 -6.43 -17.35
CA ARG B 118 7.92 -6.91 -18.17
CA ARG B 118 7.92 -6.91 -18.17
CA ARG B 118 7.93 -6.92 -18.17
C ARG B 118 7.09 -7.93 -17.41
C ARG B 118 7.09 -7.93 -17.41
C ARG B 118 7.09 -7.94 -17.42
N ALA B 119 5.79 -8.02 -17.73
CA ALA B 119 4.89 -8.95 -17.05
C ALA B 119 3.81 -9.54 -17.95
N THR B 120 3.32 -10.71 -17.58
CA THR B 120 2.26 -11.37 -18.29
C THR B 120 1.35 -12.06 -17.28
N SER B 121 0.04 -12.04 -17.54
CA SER B 121 -0.90 -12.68 -16.64
C SER B 121 -1.96 -13.41 -17.45
N LYS B 122 -2.30 -14.65 -17.04
CA LYS B 122 -3.33 -15.45 -17.69
C LYS B 122 -4.61 -15.32 -16.86
N TRP B 123 -5.73 -15.01 -17.52
CA TRP B 123 -7.02 -14.83 -16.85
C TRP B 123 -8.01 -15.84 -17.37
N VAL B 124 -8.91 -16.33 -16.51
CA VAL B 124 -9.92 -17.32 -16.90
C VAL B 124 -11.33 -16.82 -16.47
N MET B 125 -12.37 -17.17 -17.24
CA MET B 125 -13.73 -16.75 -16.89
C MET B 125 -14.36 -17.70 -15.88
N MET B 126 -15.11 -17.15 -14.93
CA MET B 126 -15.68 -17.95 -13.84
C MET B 126 -17.02 -17.37 -13.34
N ASN B 127 -17.92 -18.23 -12.81
CA ASN B 127 -19.16 -17.73 -12.25
C ASN B 127 -18.77 -17.26 -10.85
N GLN B 128 -18.99 -15.97 -10.54
CA GLN B 128 -18.56 -15.43 -9.24
C GLN B 128 -19.21 -16.08 -8.01
N ASP B 129 -20.36 -16.74 -8.18
CA ASP B 129 -21.07 -17.34 -7.05
C ASP B 129 -20.68 -18.80 -6.79
N THR B 130 -20.65 -19.61 -7.85
CA THR B 130 -20.30 -21.02 -7.73
C THR B 130 -18.84 -21.33 -7.93
N ARG B 131 -18.03 -20.34 -8.36
CA ARG B 131 -16.61 -20.46 -8.66
C ARG B 131 -16.32 -21.49 -9.78
N ARG B 132 -17.35 -21.88 -10.56
CA ARG B 132 -17.20 -22.84 -11.65
C ARG B 132 -16.70 -22.17 -12.90
N LEU B 133 -15.67 -22.75 -13.50
CA LEU B 133 -15.07 -22.20 -14.70
C LEU B 133 -15.90 -22.49 -15.93
N GLN B 134 -15.85 -21.59 -16.91
CA GLN B 134 -16.60 -21.78 -18.14
C GLN B 134 -15.80 -21.33 -19.33
N LYS B 135 -15.89 -22.09 -20.42
CA LYS B 135 -15.23 -21.77 -21.68
C LYS B 135 -15.91 -20.52 -22.24
N VAL B 136 -15.12 -19.52 -22.65
CA VAL B 136 -15.63 -18.24 -23.15
C VAL B 136 -16.43 -18.38 -24.45
N SER B 137 -17.67 -17.87 -24.46
CA SER B 137 -18.58 -17.92 -25.62
C SER B 137 -18.18 -16.93 -26.71
N ASP B 138 -18.67 -17.15 -27.94
CA ASP B 138 -18.35 -16.25 -29.05
C ASP B 138 -18.94 -14.85 -28.89
N ASP B 139 -20.14 -14.73 -28.30
CA ASP B 139 -20.79 -13.44 -28.06
C ASP B 139 -20.00 -12.56 -27.07
N VAL B 140 -19.25 -13.20 -26.15
CA VAL B 140 -18.41 -12.50 -25.17
C VAL B 140 -17.05 -12.19 -25.83
N ARG B 141 -16.48 -13.16 -26.58
CA ARG B 141 -15.22 -13.01 -27.31
C ARG B 141 -15.23 -11.75 -28.18
N ASP B 142 -16.29 -11.58 -29.00
CA ASP B 142 -16.43 -10.45 -29.92
C ASP B 142 -16.44 -9.09 -29.26
N GLU B 143 -16.93 -9.00 -28.03
CA GLU B 143 -16.95 -7.72 -27.32
C GLU B 143 -15.55 -7.21 -26.98
N TYR B 144 -14.56 -8.12 -26.84
CA TYR B 144 -13.18 -7.75 -26.51
C TYR B 144 -12.26 -7.60 -27.71
N LEU B 145 -12.51 -8.36 -28.78
CA LEU B 145 -11.66 -8.39 -29.96
C LEU B 145 -11.38 -7.01 -30.57
N VAL B 146 -12.36 -6.12 -30.57
CA VAL B 146 -12.18 -4.79 -31.14
C VAL B 146 -11.25 -3.88 -30.30
N PHE B 147 -10.77 -4.35 -29.15
CA PHE B 147 -9.87 -3.60 -28.24
C PHE B 147 -8.48 -4.25 -28.05
N CYS B 148 -8.22 -5.36 -28.74
CA CYS B 148 -6.98 -6.12 -28.64
C CYS B 148 -6.31 -6.16 -30.01
N PRO B 149 -4.96 -6.21 -30.08
CA PRO B 149 -4.31 -6.38 -31.39
C PRO B 149 -4.68 -7.75 -31.99
N GLN B 150 -4.78 -7.82 -33.31
CA GLN B 150 -5.16 -9.08 -33.97
C GLN B 150 -3.93 -9.94 -34.21
N GLU B 151 -2.81 -9.32 -34.60
CA GLU B 151 -1.55 -10.06 -34.72
C GLU B 151 -0.99 -10.28 -33.31
N PRO B 152 -0.27 -11.40 -33.06
CA PRO B 152 0.24 -11.65 -31.71
C PRO B 152 1.25 -10.61 -31.25
N ARG B 153 1.10 -10.17 -30.01
CA ARG B 153 2.00 -9.19 -29.42
C ARG B 153 2.24 -9.67 -28.00
N LEU B 154 3.39 -10.32 -27.79
CA LEU B 154 3.69 -10.92 -26.50
C LEU B 154 4.83 -10.23 -25.80
N ALA B 155 4.64 -9.88 -24.52
CA ALA B 155 5.74 -9.32 -23.72
C ALA B 155 6.87 -10.37 -23.54
N PHE B 156 6.55 -11.67 -23.61
CA PHE B 156 7.53 -12.75 -23.50
C PHE B 156 7.48 -13.63 -24.74
N PRO B 157 8.09 -13.19 -25.86
CA PRO B 157 7.99 -13.97 -27.10
C PRO B 157 8.84 -15.25 -27.16
N GLU B 158 10.01 -15.28 -26.51
CA GLU B 158 10.94 -16.43 -26.48
C GLU B 158 10.28 -17.83 -26.52
N GLU B 159 10.70 -18.73 -27.46
CA GLU B 159 10.10 -20.08 -27.48
C GLU B 159 10.72 -20.87 -26.36
N ASN B 160 9.87 -21.42 -25.47
CA ASN B 160 10.28 -22.09 -24.25
C ASN B 160 10.84 -21.03 -23.27
N ASN B 161 9.94 -20.22 -22.69
CA ASN B 161 10.29 -19.15 -21.75
C ASN B 161 9.72 -19.41 -20.34
N ARG B 162 10.21 -18.66 -19.33
CA ARG B 162 9.87 -18.86 -17.92
C ARG B 162 8.38 -18.66 -17.56
N SER B 163 7.66 -17.84 -18.32
CA SER B 163 6.25 -17.54 -18.03
C SER B 163 5.29 -18.70 -18.29
N LEU B 164 5.71 -19.71 -19.06
CA LEU B 164 4.85 -20.84 -19.39
C LEU B 164 5.38 -22.19 -18.88
N LYS B 165 6.24 -22.16 -17.86
CA LYS B 165 6.80 -23.40 -17.32
C LYS B 165 5.89 -24.00 -16.25
N LYS B 166 5.75 -25.32 -16.22
CA LYS B 166 4.93 -26.05 -15.24
C LYS B 166 5.56 -25.92 -13.84
N ILE B 167 4.74 -25.65 -12.80
CA ILE B 167 5.20 -25.50 -11.41
C ILE B 167 4.79 -26.69 -10.53
N PRO B 168 5.77 -27.38 -9.93
CA PRO B 168 5.43 -28.53 -9.07
C PRO B 168 4.99 -28.15 -7.66
N LYS B 169 4.42 -29.11 -6.94
CA LYS B 169 3.96 -28.88 -5.57
C LYS B 169 5.09 -29.16 -4.58
N LEU B 170 5.40 -28.17 -3.70
CA LEU B 170 6.43 -28.25 -2.66
C LEU B 170 6.17 -29.45 -1.76
N GLU B 171 7.21 -30.26 -1.53
CA GLU B 171 7.11 -31.46 -0.70
C GLU B 171 7.43 -31.14 0.77
N ASP B 172 6.68 -31.74 1.71
CA ASP B 172 6.91 -31.55 3.14
C ASP B 172 8.06 -32.45 3.60
N PRO B 173 8.96 -31.97 4.47
CA PRO B 173 8.95 -30.65 5.10
C PRO B 173 9.51 -29.51 4.24
N ALA B 174 9.02 -28.30 4.46
CA ALA B 174 9.51 -27.12 3.75
C ALA B 174 10.80 -26.68 4.41
N GLN B 175 11.78 -26.17 3.63
CA GLN B 175 13.04 -25.73 4.22
C GLN B 175 12.83 -24.51 5.12
N TYR B 176 11.99 -23.58 4.67
CA TYR B 176 11.62 -22.37 5.40
C TYR B 176 10.07 -22.21 5.49
N SER B 177 9.57 -21.46 6.48
CA SER B 177 8.15 -21.24 6.61
C SER B 177 7.79 -19.97 7.37
N MET B 178 6.64 -19.40 7.05
CA MET B 178 6.07 -18.25 7.73
C MET B 178 4.61 -18.61 7.93
N ILE B 179 4.21 -18.91 9.18
CA ILE B 179 2.86 -19.38 9.46
C ILE B 179 2.00 -18.32 10.20
N GLY B 180 0.69 -18.52 10.15
CA GLY B 180 -0.28 -17.64 10.80
C GLY B 180 -0.50 -16.30 10.13
N LEU B 181 -0.34 -16.21 8.79
CA LEU B 181 -0.52 -14.96 8.04
C LEU B 181 -2.00 -14.69 7.77
N LYS B 182 -2.53 -13.55 8.25
CA LYS B 182 -3.94 -13.22 8.06
C LYS B 182 -4.04 -11.86 7.37
N PRO B 183 -5.01 -11.67 6.47
CA PRO B 183 -5.16 -10.36 5.84
C PRO B 183 -5.88 -9.33 6.71
N ARG B 184 -5.50 -8.06 6.63
CA ARG B 184 -6.22 -7.00 7.34
C ARG B 184 -7.09 -6.20 6.36
N ARG B 185 -7.82 -5.15 6.80
CA ARG B 185 -8.69 -4.40 5.88
C ARG B 185 -7.93 -3.73 4.75
N ALA B 186 -6.65 -3.35 4.96
CA ALA B 186 -5.85 -2.75 3.90
C ALA B 186 -5.56 -3.74 2.76
N ASP B 187 -5.62 -5.06 3.06
CA ASP B 187 -5.40 -6.12 2.06
C ASP B 187 -6.63 -6.43 1.21
N LEU B 188 -7.80 -5.87 1.57
CA LEU B 188 -9.01 -6.13 0.81
C LEU B 188 -9.23 -5.08 -0.26
N ASP B 189 -9.90 -5.44 -1.34
CA ASP B 189 -10.23 -4.48 -2.39
C ASP B 189 -11.64 -3.88 -2.12
N MET B 190 -12.20 -3.11 -3.06
CA MET B 190 -13.53 -2.51 -2.93
C MET B 190 -14.65 -3.57 -2.81
N ASN B 191 -14.42 -4.79 -3.36
CA ASN B 191 -15.41 -5.87 -3.27
C ASN B 191 -15.23 -6.78 -2.03
N GLN B 192 -14.30 -6.42 -1.12
CA GLN B 192 -13.93 -7.12 0.11
C GLN B 192 -13.21 -8.46 -0.11
N HIS B 193 -12.65 -8.67 -1.31
CA HIS B 193 -11.86 -9.85 -1.62
C HIS B 193 -10.37 -9.50 -1.32
N VAL B 194 -9.53 -10.49 -0.98
CA VAL B 194 -8.11 -10.22 -0.74
C VAL B 194 -7.46 -9.88 -2.08
N ASN B 195 -6.76 -8.73 -2.16
CA ASN B 195 -6.10 -8.24 -3.37
C ASN B 195 -5.04 -9.25 -3.86
N ASN B 196 -4.91 -9.45 -5.18
CA ASN B 196 -3.95 -10.39 -5.76
C ASN B 196 -2.51 -10.15 -5.34
N VAL B 197 -2.18 -8.89 -5.10
CA VAL B 197 -0.84 -8.48 -4.70
C VAL B 197 -0.47 -9.01 -3.33
N THR B 198 -1.44 -9.06 -2.40
CA THR B 198 -1.22 -9.57 -1.03
C THR B 198 -0.60 -10.96 -1.04
N TYR B 199 -1.04 -11.82 -1.97
CA TYR B 199 -0.54 -13.19 -2.12
C TYR B 199 0.94 -13.20 -2.50
N ILE B 200 1.38 -12.21 -3.30
CA ILE B 200 2.79 -12.07 -3.67
C ILE B 200 3.59 -11.75 -2.41
N GLY B 201 3.07 -10.90 -1.54
CA GLY B 201 3.74 -10.56 -0.28
C GLY B 201 3.81 -11.74 0.65
N TRP B 202 2.73 -12.53 0.72
CA TRP B 202 2.70 -13.72 1.58
C TRP B 202 3.69 -14.76 1.07
N VAL B 203 3.79 -14.93 -0.25
CA VAL B 203 4.77 -15.85 -0.84
C VAL B 203 6.20 -15.47 -0.44
N LEU B 204 6.54 -14.17 -0.55
CA LEU B 204 7.89 -13.69 -0.23
C LEU B 204 8.22 -13.66 1.27
N GLU B 205 7.23 -13.81 2.17
CA GLU B 205 7.45 -13.81 3.62
C GLU B 205 8.27 -14.99 4.13
N SER B 206 8.22 -16.11 3.42
CA SER B 206 8.99 -17.29 3.81
C SER B 206 10.44 -17.30 3.24
N ILE B 207 10.82 -16.26 2.48
CA ILE B 207 12.18 -16.11 1.96
C ILE B 207 12.98 -15.56 3.15
N PRO B 208 14.12 -16.17 3.50
CA PRO B 208 14.90 -15.66 4.66
C PRO B 208 15.41 -14.24 4.44
N GLN B 209 15.51 -13.46 5.53
CA GLN B 209 15.97 -12.08 5.47
C GLN B 209 17.36 -11.95 4.85
N GLU B 210 18.26 -12.91 5.13
CA GLU B 210 19.61 -12.88 4.54
C GLU B 210 19.57 -12.92 3.03
N ILE B 211 18.65 -13.72 2.45
CA ILE B 211 18.51 -13.77 1.00
C ILE B 211 18.05 -12.41 0.47
N VAL B 212 17.09 -11.78 1.16
CA VAL B 212 16.56 -10.48 0.78
C VAL B 212 17.65 -9.41 0.82
N ASP B 213 18.50 -9.43 1.85
CA ASP B 213 19.59 -8.46 2.03
C ASP B 213 20.81 -8.65 1.10
N THR B 214 21.04 -9.86 0.57
CA THR B 214 22.19 -10.09 -0.31
C THR B 214 21.81 -10.27 -1.79
N HIS B 215 20.52 -10.50 -2.08
CA HIS B 215 20.05 -10.72 -3.43
C HIS B 215 18.91 -9.79 -3.83
N GLU B 216 18.62 -9.70 -5.13
CA GLU B 216 17.49 -8.93 -5.65
C GLU B 216 16.57 -9.86 -6.43
N LEU B 217 15.25 -9.68 -6.27
CA LEU B 217 14.28 -10.51 -6.97
C LEU B 217 14.30 -10.19 -8.46
N GLN B 218 14.53 -11.21 -9.27
CA GLN B 218 14.62 -11.05 -10.70
C GLN B 218 13.34 -11.55 -11.37
N VAL B 219 12.88 -12.75 -11.02
CA VAL B 219 11.69 -13.33 -11.65
C VAL B 219 10.77 -13.93 -10.59
N ILE B 220 9.44 -13.85 -10.80
CA ILE B 220 8.42 -14.45 -9.95
C ILE B 220 7.29 -14.96 -10.84
N THR B 221 6.90 -16.22 -10.67
CA THR B 221 5.81 -16.85 -11.40
C THR B 221 4.86 -17.40 -10.34
N LEU B 222 3.60 -17.00 -10.38
CA LEU B 222 2.62 -17.39 -9.37
C LEU B 222 1.33 -17.96 -9.95
N ASP B 223 0.98 -19.19 -9.60
CA ASP B 223 -0.28 -19.81 -10.00
C ASP B 223 -1.31 -19.60 -8.89
N TYR B 224 -2.50 -19.14 -9.26
CA TYR B 224 -3.62 -18.89 -8.35
C TYR B 224 -4.60 -20.05 -8.47
N ARG B 225 -4.91 -20.68 -7.36
CA ARG B 225 -5.76 -21.86 -7.35
C ARG B 225 -7.07 -21.64 -6.60
N ARG B 226 -7.01 -20.86 -5.52
CA ARG B 226 -8.17 -20.67 -4.67
C ARG B 226 -8.03 -19.35 -3.91
N GLU B 227 -9.14 -18.76 -3.56
CA GLU B 227 -9.16 -17.52 -2.79
C GLU B 227 -8.97 -17.77 -1.32
N CYS B 228 -8.34 -16.81 -0.64
CA CYS B 228 -8.23 -16.84 0.81
C CYS B 228 -9.32 -15.86 1.27
N GLN B 229 -10.29 -16.33 2.05
CA GLN B 229 -11.35 -15.47 2.55
C GLN B 229 -10.82 -14.53 3.63
N GLN B 230 -11.55 -13.43 3.91
CA GLN B 230 -11.17 -12.42 4.90
C GLN B 230 -10.83 -13.04 6.27
N ASP B 231 -11.56 -14.10 6.66
CA ASP B 231 -11.42 -14.80 7.92
C ASP B 231 -10.57 -16.11 7.82
N ASP B 232 -9.67 -16.20 6.84
CA ASP B 232 -8.81 -17.37 6.68
C ASP B 232 -7.37 -17.05 7.14
N VAL B 233 -6.62 -18.09 7.57
CA VAL B 233 -5.22 -17.96 8.00
C VAL B 233 -4.35 -18.75 7.01
N VAL B 234 -3.19 -18.19 6.64
CA VAL B 234 -2.33 -18.77 5.62
C VAL B 234 -0.92 -19.13 6.11
N ASP B 235 -0.39 -20.25 5.63
CA ASP B 235 0.96 -20.71 5.88
C ASP B 235 1.72 -20.58 4.56
N SER B 236 2.89 -19.91 4.59
CA SER B 236 3.78 -19.67 3.45
C SER B 236 4.99 -20.60 3.59
N LEU B 237 5.25 -21.40 2.57
CA LEU B 237 6.32 -22.40 2.58
C LEU B 237 7.27 -22.17 1.43
N THR B 238 8.59 -22.26 1.68
CA THR B 238 9.65 -22.07 0.69
C THR B 238 10.77 -23.13 0.82
N THR B 239 11.30 -23.60 -0.30
CA THR B 239 12.41 -24.54 -0.34
C THR B 239 13.38 -24.14 -1.48
N THR B 240 14.69 -24.12 -1.21
CA THR B 240 15.68 -23.78 -2.22
C THR B 240 15.76 -24.91 -3.26
N THR B 241 15.63 -24.58 -4.53
CA THR B 241 15.75 -25.57 -5.60
C THR B 241 17.06 -25.45 -6.40
N SER B 242 17.91 -24.46 -6.08
CA SER B 242 19.18 -24.29 -6.76
C SER B 242 20.30 -24.95 -5.95
N ASP B 260 23.04 -17.43 -8.88
CA ASP B 260 21.60 -17.29 -8.77
C ASP B 260 20.99 -18.21 -7.72
N SER B 261 19.86 -17.80 -7.16
CA SER B 261 19.16 -18.58 -6.17
C SER B 261 17.71 -18.77 -6.64
N GLN B 262 17.21 -20.01 -6.59
CA GLN B 262 15.84 -20.30 -6.99
C GLN B 262 15.10 -20.96 -5.84
N PHE B 263 13.81 -20.68 -5.72
CA PHE B 263 13.00 -21.24 -4.67
C PHE B 263 11.67 -21.78 -5.18
N LEU B 264 11.12 -22.76 -4.49
CA LEU B 264 9.81 -23.32 -4.78
C LEU B 264 8.90 -22.86 -3.65
N HIS B 265 7.72 -22.34 -3.98
CA HIS B 265 6.82 -21.78 -2.99
C HIS B 265 5.46 -22.44 -2.93
N LEU B 266 4.85 -22.42 -1.76
CA LEU B 266 3.52 -22.96 -1.57
C LEU B 266 2.76 -22.16 -0.52
N LEU B 267 1.58 -21.67 -0.87
CA LEU B 267 0.68 -21.01 0.08
C LEU B 267 -0.45 -22.00 0.33
N ARG B 268 -0.75 -22.28 1.59
CA ARG B 268 -1.84 -23.19 1.94
C ARG B 268 -2.53 -22.68 3.18
N LEU B 269 -3.79 -23.07 3.38
CA LEU B 269 -4.55 -22.64 4.54
C LEU B 269 -4.06 -23.33 5.79
N SER B 270 -3.78 -22.56 6.85
CA SER B 270 -3.22 -22.99 8.13
C SER B 270 -3.86 -24.23 8.73
N GLY B 271 -5.16 -24.35 8.57
CA GLY B 271 -5.89 -25.48 9.11
C GLY B 271 -5.67 -26.76 8.35
N ASP B 272 -6.57 -27.04 7.40
CA ASP B 272 -6.61 -28.25 6.58
C ASP B 272 -5.44 -28.44 5.59
N GLY B 273 -4.68 -27.39 5.34
CA GLY B 273 -3.58 -27.46 4.38
C GLY B 273 -4.02 -27.38 2.93
N GLN B 274 -5.24 -26.83 2.69
CA GLN B 274 -5.79 -26.65 1.34
C GLN B 274 -4.95 -25.64 0.57
N GLU B 275 -4.48 -26.02 -0.63
CA GLU B 275 -3.65 -25.15 -1.47
C GLU B 275 -4.39 -23.95 -2.02
N ILE B 276 -3.78 -22.77 -1.90
CA ILE B 276 -4.34 -21.56 -2.48
C ILE B 276 -3.39 -20.98 -3.56
N ASN B 277 -2.08 -21.20 -3.41
CA ASN B 277 -1.11 -20.70 -4.37
C ASN B 277 0.16 -21.56 -4.42
N ARG B 278 0.89 -21.48 -5.54
CA ARG B 278 2.17 -22.12 -5.74
C ARG B 278 3.04 -21.27 -6.72
N GLY B 279 4.35 -21.30 -6.58
CA GLY B 279 5.22 -20.53 -7.46
C GLY B 279 6.70 -20.79 -7.35
N THR B 280 7.47 -20.01 -8.11
CA THR B 280 8.93 -20.03 -8.13
C THR B 280 9.44 -18.60 -8.17
N THR B 281 10.58 -18.34 -7.52
CA THR B 281 11.25 -17.04 -7.57
C THR B 281 12.71 -17.25 -7.95
N LEU B 282 13.28 -16.30 -8.67
CA LEU B 282 14.68 -16.35 -9.07
C LEU B 282 15.31 -15.05 -8.58
N TRP B 283 16.42 -15.16 -7.87
CA TRP B 283 17.12 -13.99 -7.33
C TRP B 283 18.56 -13.97 -7.84
N ARG B 284 19.15 -12.76 -7.92
CA ARG B 284 20.53 -12.53 -8.39
C ARG B 284 21.37 -11.84 -7.29
N LYS B 285 22.69 -12.12 -7.21
CA LYS B 285 23.55 -11.44 -6.24
C LYS B 285 23.65 -9.96 -6.62
N LYS B 286 23.62 -9.07 -5.61
CA LYS B 286 23.70 -7.62 -5.83
C LYS B 286 25.08 -7.20 -6.33
N1 U1X C . 9.70 17.74 10.15
C4 U1X C . 10.34 22.46 5.93
C5 U1X C . 10.21 22.85 7.24
C6 U1X C . 10.27 21.92 8.26
C7 U1X C . 10.12 18.20 11.48
C8 U1X C . 9.40 17.22 12.39
C10 U1X C . 9.09 16.41 10.22
N U1X C . 10.36 19.63 9.03
C U1X C . 9.84 18.38 8.98
O U1X C . 9.42 17.84 7.95
C1 U1X C . 10.38 20.58 7.97
C2 U1X C . 10.51 20.18 6.65
C3 U1X C . 10.48 21.12 5.64
C9 U1X C . 9.47 15.96 11.61
N1 U1X D . 7.70 7.79 20.85
C4 U1X D . 6.34 4.44 15.61
C5 U1X D . 6.44 3.96 16.89
C6 U1X D . 6.69 4.82 17.94
C7 U1X D . 8.25 7.62 22.19
C8 U1X D . 8.25 9.05 22.74
C10 U1X D . 7.11 9.14 20.70
N U1X D . 7.10 7.09 18.75
C U1X D . 7.73 6.83 19.91
O U1X D . 8.32 5.77 20.13
C1 U1X D . 6.84 6.19 17.70
C2 U1X D . 6.76 6.66 16.40
C3 U1X D . 6.51 5.78 15.36
C9 U1X D . 7.02 9.62 22.12
N1 U1X E . -9.12 -8.00 -19.09
C4 U1X E . -9.27 -3.12 -23.19
C5 U1X E . -9.47 -3.01 -21.84
C6 U1X E . -9.54 -4.14 -21.04
C7 U1X E . -9.71 -9.17 -19.76
C8 U1X E . -9.11 -10.31 -18.98
C10 U1X E . -8.59 -8.38 -17.77
N U1X E . -9.45 -6.57 -20.83
C U1X E . -9.05 -6.76 -19.54
O U1X E . -8.61 -5.86 -18.81
C1 U1X E . -9.42 -5.39 -21.61
C2 U1X E . -9.20 -5.50 -22.98
C3 U1X E . -9.13 -4.37 -23.75
C9 U1X E . -9.11 -9.79 -17.59
N1 U1X F . -8.68 -19.47 -9.71
C4 U1X F . -7.03 -14.65 -5.90
C5 U1X F . -7.33 -15.94 -5.54
C6 U1X F . -7.64 -16.89 -6.49
C7 U1X F . -9.50 -20.68 -9.75
C8 U1X F . -8.76 -21.55 -10.75
C10 U1X F . -7.79 -19.41 -10.88
N U1X F . -8.00 -17.46 -8.84
C U1X F . -8.76 -18.57 -8.72
O U1X F . -9.50 -18.78 -7.77
C1 U1X F . -7.67 -16.53 -7.83
C2 U1X F . -7.39 -15.23 -8.20
C3 U1X F . -7.08 -14.29 -7.23
C9 U1X F . -8.28 -20.55 -11.74
#